data_9VYY
#
_entry.id   9VYY
#
_cell.length_a   59.438
_cell.length_b   59.438
_cell.length_c   59.819
_cell.angle_alpha   90.000
_cell.angle_beta   90.000
_cell.angle_gamma   90.000
#
_symmetry.space_group_name_H-M   'P 41 21 2'
#
loop_
_entity.id
_entity.type
_entity.pdbx_description
1 polymer 'UPF0235 protein PF1765'
2 non-polymer 'SODIUM ION'
3 water water
#
_entity_poly.entity_id   1
_entity_poly.type   'polypeptide(L)'
_entity_poly.pdbx_seq_one_letter_code
;MASWSHPQFEKGSSHHHHHHSSGSGGGGGENLYFQGSLRETSEGVILSVIVAPNARETKIVGIDGTRGRVKVNVAAPPVK
GKANKELMKFFKKLFGAEVVIVRGETSREKDLLIKGITKKEVIEKLEL
;
_entity_poly.pdbx_strand_id   A
#
loop_
_chem_comp.id
_chem_comp.type
_chem_comp.name
_chem_comp.formula
NA non-polymer 'SODIUM ION' 'Na 1'
#
# COMPACT_ATOMS: atom_id res chain seq x y z
N ASN A 31 7.04 0.10 16.60
CA ASN A 31 6.89 1.55 16.60
C ASN A 31 6.76 2.09 15.17
N LEU A 32 5.90 1.50 14.33
CA LEU A 32 5.64 2.01 12.97
C LEU A 32 4.44 2.96 12.97
N TYR A 33 4.64 4.15 12.43
CA TYR A 33 3.61 5.18 12.43
C TYR A 33 3.24 5.44 10.99
N PHE A 34 2.00 5.11 10.64
CA PHE A 34 1.55 5.16 9.26
C PHE A 34 0.94 6.49 8.88
N GLN A 35 0.84 7.44 9.81
CA GLN A 35 0.06 8.65 9.57
C GLN A 35 0.67 9.49 8.46
N GLY A 36 1.99 9.38 8.23
CA GLY A 36 2.53 10.19 7.15
C GLY A 36 2.44 9.58 5.77
N SER A 37 1.80 8.41 5.67
CA SER A 37 1.72 7.66 4.42
C SER A 37 0.27 7.49 3.95
N LEU A 38 -0.68 8.19 4.55
CA LEU A 38 -2.11 8.02 4.29
C LEU A 38 -2.81 9.37 4.27
N ARG A 39 -3.87 9.47 3.46
CA ARG A 39 -4.76 10.63 3.59
C ARG A 39 -6.16 10.17 3.24
N GLU A 40 -7.16 10.80 3.83
CA GLU A 40 -8.56 10.42 3.65
C GLU A 40 -9.22 11.41 2.71
N THR A 41 -9.73 10.91 1.58
CA THR A 41 -10.25 11.72 0.50
C THR A 41 -11.78 11.52 0.40
N SER A 42 -12.41 12.26 -0.54
CA SER A 42 -13.83 12.04 -0.86
C SER A 42 -14.14 10.56 -1.04
N GLU A 43 -13.21 9.79 -1.64
CA GLU A 43 -13.58 8.45 -2.12
C GLU A 43 -13.14 7.34 -1.20
N GLY A 44 -12.29 7.62 -0.24
CA GLY A 44 -11.77 6.60 0.65
C GLY A 44 -10.47 7.04 1.25
N VAL A 45 -9.48 6.14 1.25
CA VAL A 45 -8.14 6.48 1.76
C VAL A 45 -7.10 6.19 0.69
N ILE A 46 -6.20 7.15 0.45
CA ILE A 46 -5.04 6.93 -0.42
C ILE A 46 -3.85 6.56 0.45
N LEU A 47 -3.40 5.31 0.29
CA LEU A 47 -2.24 4.74 0.94
C LEU A 47 -1.05 4.83 -0.01
N SER A 48 0.00 5.51 0.43
CA SER A 48 1.20 5.74 -0.37
C SER A 48 2.28 4.75 0.04
N VAL A 49 2.76 3.95 -0.93
CA VAL A 49 3.73 2.90 -0.64
C VAL A 49 4.97 3.04 -1.57
N ILE A 50 6.06 2.43 -1.14
CA ILE A 50 7.21 2.26 -2.05
C ILE A 50 7.55 0.78 -2.07
N VAL A 51 7.53 0.18 -3.26
CA VAL A 51 7.66 -1.28 -3.36
C VAL A 51 9.12 -1.67 -3.56
N ALA A 52 9.46 -2.79 -2.98
CA ALA A 52 10.74 -3.43 -3.23
C ALA A 52 10.42 -4.80 -3.80
N PRO A 53 10.61 -5.03 -5.08
CA PRO A 53 10.21 -6.30 -5.70
C PRO A 53 11.22 -7.41 -5.43
N ASN A 54 10.97 -8.59 -6.03
CA ASN A 54 11.87 -9.75 -5.96
C ASN A 54 11.96 -10.35 -4.56
N ALA A 55 10.95 -10.13 -3.73
CA ALA A 55 11.02 -10.54 -2.33
C ALA A 55 10.56 -11.98 -2.13
N ARG A 56 10.96 -12.56 -0.99
CA ARG A 56 10.51 -13.90 -0.65
C ARG A 56 9.06 -13.88 -0.18
N GLU A 57 8.60 -12.76 0.34
CA GLU A 57 7.27 -12.70 0.93
C GLU A 57 6.78 -11.27 0.81
N THR A 58 5.51 -11.10 0.41
CA THR A 58 4.90 -9.78 0.40
C THR A 58 4.57 -9.37 1.83
N LYS A 59 5.13 -8.25 2.28
CA LYS A 59 4.90 -7.83 3.66
C LYS A 59 5.35 -6.38 3.84
N ILE A 60 4.76 -5.75 4.85
CA ILE A 60 5.15 -4.40 5.24
C ILE A 60 6.44 -4.48 6.05
N VAL A 61 7.43 -3.68 5.69
CA VAL A 61 8.71 -3.77 6.39
C VAL A 61 9.09 -2.51 7.16
N GLY A 62 8.46 -1.38 6.91
CA GLY A 62 8.86 -0.17 7.61
C GLY A 62 8.22 1.05 6.95
N ILE A 63 8.70 2.22 7.36
CA ILE A 63 8.20 3.50 6.87
C ILE A 63 9.38 4.27 6.32
N ASP A 64 9.25 4.74 5.08
CA ASP A 64 10.19 5.65 4.45
C ASP A 64 9.74 7.07 4.78
N GLY A 65 10.30 7.62 5.87
CA GLY A 65 9.95 8.96 6.31
C GLY A 65 10.41 10.08 5.40
N THR A 66 11.42 9.83 4.55
CA THR A 66 11.77 10.87 3.60
C THR A 66 10.72 11.03 2.51
N ARG A 67 10.04 9.95 2.15
CA ARG A 67 9.02 9.92 1.10
C ARG A 67 7.60 9.96 1.64
N GLY A 68 7.38 9.77 2.94
CA GLY A 68 6.00 9.61 3.40
C GLY A 68 5.35 8.39 2.79
N ARG A 69 6.00 7.23 2.85
CA ARG A 69 5.49 6.03 2.19
C ARG A 69 5.79 4.79 3.02
N VAL A 70 4.87 3.82 3.00
CA VAL A 70 5.09 2.51 3.61
C VAL A 70 6.01 1.68 2.72
N LYS A 71 7.10 1.14 3.29
CA LYS A 71 7.97 0.24 2.56
C LYS A 71 7.33 -1.15 2.52
N VAL A 72 7.02 -1.66 1.31
CA VAL A 72 6.38 -2.95 1.14
C VAL A 72 7.27 -3.81 0.27
N ASN A 73 7.71 -4.93 0.81
CA ASN A 73 8.36 -5.98 0.01
C ASN A 73 7.28 -6.69 -0.78
N VAL A 74 7.52 -6.96 -2.06
CA VAL A 74 6.53 -7.62 -2.91
C VAL A 74 7.14 -8.87 -3.50
N ALA A 75 6.47 -10.01 -3.31
CA ALA A 75 6.95 -11.30 -3.83
C ALA A 75 6.49 -11.48 -5.29
N ALA A 76 7.12 -10.70 -6.17
CA ALA A 76 6.89 -10.75 -7.60
C ALA A 76 8.07 -10.07 -8.26
N PRO A 77 8.36 -10.37 -9.52
CA PRO A 77 9.41 -9.66 -10.26
C PRO A 77 8.86 -8.34 -10.74
N PRO A 78 9.72 -7.40 -11.17
CA PRO A 78 9.21 -6.07 -11.54
C PRO A 78 8.67 -5.99 -12.98
N VAL A 79 8.07 -7.05 -13.51
CA VAL A 79 7.78 -7.15 -14.94
C VAL A 79 6.36 -7.66 -15.14
N LYS A 80 5.79 -7.32 -16.30
CA LYS A 80 4.47 -7.82 -16.74
C LYS A 80 3.33 -7.45 -15.79
N GLY A 81 3.46 -6.35 -15.06
CA GLY A 81 2.41 -5.98 -14.12
C GLY A 81 2.31 -6.86 -12.90
N LYS A 82 3.24 -7.79 -12.72
CA LYS A 82 3.10 -8.81 -11.69
C LYS A 82 3.22 -8.23 -10.31
N ALA A 83 4.06 -7.19 -10.14
CA ALA A 83 4.18 -6.59 -8.82
C ALA A 83 2.90 -5.83 -8.44
N ASN A 84 2.27 -5.16 -9.42
CA ASN A 84 1.00 -4.48 -9.21
C ASN A 84 -0.11 -5.45 -8.78
N LYS A 85 -0.21 -6.59 -9.47
CA LYS A 85 -1.23 -7.58 -9.14
C LYS A 85 -1.04 -8.09 -7.71
N GLU A 86 0.19 -8.40 -7.34
CA GLU A 86 0.46 -8.95 -6.02
C GLU A 86 0.21 -7.92 -4.94
N LEU A 87 0.61 -6.68 -5.20
CA LEU A 87 0.40 -5.60 -4.25
C LEU A 87 -1.09 -5.39 -3.98
N MET A 88 -1.90 -5.38 -5.04
CA MET A 88 -3.33 -5.17 -4.87
C MET A 88 -4.00 -6.36 -4.19
N LYS A 89 -3.57 -7.59 -4.53
CA LYS A 89 -4.14 -8.78 -3.87
C LYS A 89 -3.89 -8.73 -2.37
N PHE A 90 -2.69 -8.32 -1.98
CA PHE A 90 -2.29 -8.30 -0.58
C PHE A 90 -3.10 -7.27 0.21
N PHE A 91 -3.25 -6.07 -0.32
CA PHE A 91 -3.98 -5.01 0.38
C PHE A 91 -5.49 -5.20 0.31
N LYS A 92 -6.03 -5.75 -0.78
CA LYS A 92 -7.46 -6.07 -0.76
C LYS A 92 -7.79 -7.07 0.36
N LYS A 93 -6.93 -8.08 0.55
CA LYS A 93 -7.15 -9.04 1.62
C LYS A 93 -7.02 -8.38 2.98
N LEU A 94 -6.04 -7.50 3.14
CA LEU A 94 -5.79 -6.86 4.44
C LEU A 94 -6.97 -5.99 4.84
N PHE A 95 -7.44 -5.14 3.92
CA PHE A 95 -8.47 -4.16 4.24
C PHE A 95 -9.89 -4.64 4.02
N GLY A 96 -10.12 -5.75 3.31
CA GLY A 96 -11.51 -6.14 3.04
C GLY A 96 -12.26 -5.14 2.19
N ALA A 97 -11.56 -4.43 1.31
CA ALA A 97 -12.12 -3.38 0.49
C ALA A 97 -11.43 -3.42 -0.87
N GLU A 98 -12.07 -2.81 -1.87
CA GLU A 98 -11.47 -2.77 -3.19
C GLU A 98 -10.31 -1.79 -3.18
N VAL A 99 -9.22 -2.15 -3.84
CA VAL A 99 -8.01 -1.35 -3.89
C VAL A 99 -7.62 -1.18 -5.34
N VAL A 100 -7.37 0.06 -5.75
CA VAL A 100 -6.93 0.35 -7.11
C VAL A 100 -5.69 1.23 -7.04
N ILE A 101 -4.80 1.08 -8.01
CA ILE A 101 -3.64 1.96 -8.13
C ILE A 101 -4.08 3.24 -8.83
N VAL A 102 -3.93 4.38 -8.15
CA VAL A 102 -4.27 5.68 -8.76
C VAL A 102 -3.05 6.49 -9.20
N ARG A 103 -1.84 6.17 -8.71
CA ARG A 103 -0.60 6.75 -9.21
C ARG A 103 0.47 5.68 -9.17
N GLY A 104 1.40 5.74 -10.12
CA GLY A 104 2.61 4.96 -10.03
C GLY A 104 2.52 3.57 -10.61
N GLU A 105 1.62 3.34 -11.57
CA GLU A 105 1.45 2.03 -12.21
C GLU A 105 2.79 1.42 -12.63
N THR A 106 3.69 2.24 -13.18
CA THR A 106 5.00 1.75 -13.63
C THR A 106 6.13 2.33 -12.80
N SER A 107 5.84 2.76 -11.58
CA SER A 107 6.81 3.31 -10.65
C SER A 107 6.89 2.43 -9.40
N ARG A 108 7.99 2.60 -8.64
CA ARG A 108 8.11 1.97 -7.33
C ARG A 108 7.24 2.69 -6.31
N GLU A 109 7.00 3.98 -6.52
CA GLU A 109 6.20 4.82 -5.59
C GLU A 109 4.77 4.80 -6.11
N LYS A 110 3.93 4.01 -5.46
CA LYS A 110 2.55 3.78 -5.88
C LYS A 110 1.57 4.30 -4.83
N ASP A 111 0.50 4.90 -5.31
CA ASP A 111 -0.58 5.35 -4.42
C ASP A 111 -1.78 4.45 -4.66
N LEU A 112 -2.32 3.89 -3.59
CA LEU A 112 -3.40 2.90 -3.62
C LEU A 112 -4.64 3.56 -3.04
N LEU A 113 -5.70 3.64 -3.81
CA LEU A 113 -6.99 4.12 -3.26
C LEU A 113 -7.76 2.91 -2.74
N ILE A 114 -8.09 2.95 -1.45
CA ILE A 114 -8.91 1.97 -0.77
C ILE A 114 -10.30 2.62 -0.67
N LYS A 115 -11.23 2.15 -1.46
CA LYS A 115 -12.49 2.84 -1.62
C LYS A 115 -13.40 2.60 -0.42
N GLY A 116 -14.05 3.69 0.04
CA GLY A 116 -15.11 3.49 0.98
C GLY A 116 -14.72 3.21 2.42
N ILE A 117 -13.51 3.56 2.80
CA ILE A 117 -12.93 3.22 4.10
C ILE A 117 -12.46 4.52 4.76
N THR A 118 -12.34 4.50 6.08
CA THR A 118 -11.81 5.64 6.83
C THR A 118 -10.34 5.43 7.20
N LYS A 119 -9.68 6.54 7.53
CA LYS A 119 -8.27 6.47 7.91
C LYS A 119 -8.12 5.68 9.22
N LYS A 120 -9.06 5.83 10.15
CA LYS A 120 -9.03 5.07 11.39
C LYS A 120 -9.01 3.57 11.11
N GLU A 121 -9.90 3.09 10.22
CA GLU A 121 -9.94 1.67 9.90
CA GLU A 121 -9.92 1.65 9.93
C GLU A 121 -8.64 1.19 9.24
N VAL A 122 -8.11 1.99 8.32
CA VAL A 122 -6.88 1.62 7.63
C VAL A 122 -5.73 1.49 8.62
N ILE A 123 -5.60 2.46 9.52
CA ILE A 123 -4.51 2.44 10.49
C ILE A 123 -4.63 1.22 11.38
N GLU A 124 -5.87 0.88 11.77
CA GLU A 124 -6.06 -0.30 12.61
C GLU A 124 -5.56 -1.57 11.92
N LYS A 125 -5.89 -1.73 10.64
CA LYS A 125 -5.45 -2.90 9.89
C LYS A 125 -3.94 -2.91 9.63
N LEU A 126 -3.34 -1.77 9.26
CA LEU A 126 -1.88 -1.71 9.10
C LEU A 126 -1.15 -2.04 10.38
N GLU A 127 -1.71 -1.65 11.54
CA GLU A 127 -1.06 -1.86 12.84
C GLU A 127 -1.26 -3.26 13.38
N LEU A 128 -1.90 -4.14 12.62
CA LEU A 128 -2.00 -5.52 13.03
C LEU A 128 -0.61 -6.13 12.97
NA NA B . 6.47 9.61 7.82
#